data_1DIW
#
_entry.id   1DIW
#
_cell.length_a   67.076
_cell.length_b   70.882
_cell.length_c   122.238
_cell.angle_alpha   90.00
_cell.angle_beta   90.00
_cell.angle_gamma   90.00
#
_symmetry.space_group_name_H-M   'P 21 21 21'
#
loop_
_entity.id
_entity.type
_entity.pdbx_description
1 polymer 'TETANUS TOXIN HC'
2 non-polymer beta-D-galactopyranose
3 water water
#
_entity_poly.entity_id   1
_entity_poly.type   'polypeptide(L)'
_entity_poly.pdbx_seq_one_letter_code
;EDIDVILKKSTILNLDINNDIISDISGFNSSVITYPDAQLVPGINGKAIHLVNNEESEVIVHKAMDIEYNDMFNNFTVSF
WLRVPKVSASHLEQYGTNEYSIISSMKKHSLSIGSGWSVSLKGNNLIWTLKDSAGEVRQITFRDLPDKFNAYLANKWVFI
TITNDRLSSANLYINGVLMGSAEITGLGAIREDNNITLKLDRCNNNNQYVSIDKFRIFCKALNPKEIEKLYTSYLSITFL
RDFWGNPLRYDTEYYLIPVASSSKDVQLKNITDYMYLTNAPSYTNGKLNIYYRRLYNGLKFIIKRYTPNNEIDSFVKSGD
FIKLYVSYNNNEHIVGYPKDGNAFNNLDRILRVGYNAPGIPLYKKMEAVKLRDLKTYSVQLKLYDDKNASLGLVGTHNGQ
IGNDPNRDILIASNWYFNHLKDKILGCDWYFVPTDEGWTND
;
_entity_poly.pdbx_strand_id   A
#
loop_
_chem_comp.id
_chem_comp.type
_chem_comp.name
_chem_comp.formula
GAL D-saccharide, beta linking beta-D-galactopyranose 'C6 H12 O6'
#
# COMPACT_ATOMS: atom_id res chain seq x y z
N GLU A 1 9.16 -26.27 13.90
CA GLU A 1 10.28 -25.45 13.37
C GLU A 1 9.98 -23.94 13.43
N ASP A 2 10.89 -23.18 12.84
CA ASP A 2 10.69 -21.75 12.73
C ASP A 2 9.87 -21.52 11.47
N ILE A 3 9.19 -20.39 11.43
CA ILE A 3 8.45 -20.01 10.22
C ILE A 3 9.46 -19.44 9.24
N ASP A 4 10.52 -18.85 9.78
CA ASP A 4 11.62 -18.21 9.12
C ASP A 4 12.51 -19.15 8.30
N VAL A 5 12.69 -20.33 8.89
CA VAL A 5 13.56 -21.35 8.31
C VAL A 5 12.88 -22.06 7.16
N ILE A 6 11.61 -22.40 7.34
CA ILE A 6 10.92 -23.12 6.26
C ILE A 6 10.48 -22.17 5.15
N LEU A 7 10.37 -20.88 5.48
CA LEU A 7 10.02 -19.89 4.46
C LEU A 7 11.24 -19.74 3.54
N LYS A 8 12.38 -19.60 4.19
CA LYS A 8 13.65 -19.46 3.53
C LYS A 8 14.06 -20.69 2.73
N LYS A 9 13.98 -21.84 3.39
CA LYS A 9 14.36 -23.12 2.81
C LYS A 9 13.41 -23.59 1.71
N SER A 10 12.16 -23.13 1.70
CA SER A 10 11.29 -23.55 0.59
C SER A 10 11.34 -22.53 -0.53
N THR A 11 12.07 -21.43 -0.36
CA THR A 11 12.18 -20.44 -1.41
C THR A 11 12.98 -20.95 -2.59
N ILE A 12 12.38 -20.89 -3.75
CA ILE A 12 12.93 -21.40 -5.00
C ILE A 12 13.24 -20.34 -6.02
N LEU A 13 12.69 -19.16 -5.78
CA LEU A 13 12.86 -17.99 -6.63
C LEU A 13 12.51 -16.76 -5.79
N ASN A 14 13.40 -15.76 -5.77
CA ASN A 14 13.19 -14.57 -4.98
C ASN A 14 13.72 -13.32 -5.65
N LEU A 15 12.87 -12.51 -6.28
CA LEU A 15 13.39 -11.31 -6.95
C LEU A 15 13.61 -10.15 -5.99
N ASP A 16 14.86 -9.67 -5.97
CA ASP A 16 15.21 -8.54 -5.12
C ASP A 16 15.89 -7.51 -6.02
N ILE A 17 15.75 -6.25 -5.60
CA ILE A 17 16.33 -5.14 -6.34
C ILE A 17 17.45 -4.52 -5.49
N ASN A 18 18.68 -4.67 -5.98
CA ASN A 18 19.83 -4.10 -5.31
C ASN A 18 20.74 -3.41 -6.30
N ASN A 19 21.22 -2.25 -5.89
CA ASN A 19 22.09 -1.42 -6.73
C ASN A 19 21.40 -1.16 -8.07
N ASP A 20 20.07 -1.00 -8.04
CA ASP A 20 19.24 -0.75 -9.18
C ASP A 20 19.29 -1.85 -10.22
N ILE A 21 19.50 -3.08 -9.77
CA ILE A 21 19.55 -4.24 -10.66
C ILE A 21 18.59 -5.30 -10.08
N ILE A 22 17.89 -6.03 -10.96
CA ILE A 22 16.97 -7.05 -10.53
C ILE A 22 17.62 -8.43 -10.65
N SER A 23 17.67 -9.18 -9.57
CA SER A 23 18.23 -10.51 -9.60
C SER A 23 17.52 -11.42 -8.60
N ASP A 24 17.72 -12.71 -8.79
CA ASP A 24 17.17 -13.74 -7.92
C ASP A 24 18.11 -13.93 -6.75
N ILE A 25 17.66 -13.69 -5.52
CA ILE A 25 18.52 -13.90 -4.38
C ILE A 25 18.14 -15.19 -3.65
N SER A 26 17.46 -16.13 -4.32
CA SER A 26 17.06 -17.36 -3.66
C SER A 26 18.22 -18.30 -3.32
N GLY A 27 19.25 -18.29 -4.15
CA GLY A 27 20.40 -19.16 -3.95
C GLY A 27 20.53 -20.01 -5.21
N PHE A 28 19.44 -20.11 -5.95
CA PHE A 28 19.37 -20.92 -7.17
C PHE A 28 19.84 -20.25 -8.45
N ASN A 29 20.15 -18.96 -8.38
CA ASN A 29 20.64 -18.17 -9.48
C ASN A 29 19.85 -18.28 -10.77
N SER A 30 18.55 -18.07 -10.78
CA SER A 30 17.85 -18.08 -12.07
C SER A 30 18.20 -16.76 -12.75
N SER A 31 18.61 -16.82 -14.02
CA SER A 31 18.98 -15.58 -14.68
C SER A 31 17.74 -14.75 -14.97
N VAL A 32 17.85 -13.46 -14.73
CA VAL A 32 16.80 -12.48 -14.94
C VAL A 32 17.24 -11.50 -16.04
N ILE A 33 16.36 -11.24 -16.97
CA ILE A 33 16.64 -10.32 -18.06
C ILE A 33 15.66 -9.17 -17.99
N THR A 34 16.19 -7.98 -17.74
CA THR A 34 15.34 -6.79 -17.69
C THR A 34 15.33 -6.07 -19.02
N TYR A 35 14.17 -5.85 -19.62
CA TYR A 35 14.08 -5.17 -20.90
C TYR A 35 14.19 -3.69 -20.68
N PRO A 36 14.43 -2.91 -21.73
CA PRO A 36 14.69 -1.49 -21.60
C PRO A 36 13.63 -0.68 -20.87
N ASP A 37 12.36 -1.02 -21.09
CA ASP A 37 11.30 -0.22 -20.50
C ASP A 37 10.61 -0.77 -19.27
N ALA A 38 11.26 -1.67 -18.53
CA ALA A 38 10.83 -2.07 -17.21
C ALA A 38 11.32 -0.97 -16.27
N GLN A 39 10.47 -0.30 -15.52
CA GLN A 39 10.87 0.80 -14.66
C GLN A 39 11.03 0.41 -13.20
N LEU A 40 11.78 1.24 -12.45
CA LEU A 40 11.95 0.97 -11.02
C LEU A 40 11.33 2.14 -10.26
N VAL A 41 10.48 1.86 -9.26
CA VAL A 41 9.79 2.89 -8.50
C VAL A 41 9.84 2.54 -7.02
N PRO A 42 9.43 3.46 -6.15
CA PRO A 42 9.38 3.18 -4.74
C PRO A 42 8.49 1.97 -4.47
N GLY A 43 8.95 1.12 -3.55
CA GLY A 43 8.25 -0.06 -3.14
C GLY A 43 8.05 -0.06 -1.61
N ILE A 44 7.69 -1.20 -1.09
CA ILE A 44 7.34 -1.61 0.24
C ILE A 44 8.52 -1.51 1.19
N ASN A 45 9.65 -2.01 0.73
CA ASN A 45 10.92 -1.98 1.45
C ASN A 45 12.05 -1.97 0.43
N GLY A 46 12.25 -0.83 -0.24
CA GLY A 46 13.25 -0.64 -1.29
C GLY A 46 12.57 -0.16 -2.57
N LYS A 47 13.02 -0.59 -3.75
CA LYS A 47 12.37 -0.24 -4.99
C LYS A 47 11.52 -1.40 -5.48
N ALA A 48 10.64 -1.14 -6.43
CA ALA A 48 9.82 -2.18 -7.03
C ALA A 48 9.83 -2.11 -8.55
N ILE A 49 9.27 -3.17 -9.17
CA ILE A 49 9.21 -3.23 -10.63
C ILE A 49 7.94 -2.55 -11.14
N HIS A 50 8.04 -1.83 -12.22
CA HIS A 50 6.88 -1.12 -12.78
C HIS A 50 6.79 -1.40 -14.27
N LEU A 51 5.70 -2.02 -14.71
CA LEU A 51 5.46 -2.42 -16.09
C LEU A 51 4.42 -1.57 -16.80
N VAL A 52 4.68 -1.11 -18.01
CA VAL A 52 3.72 -0.32 -18.77
C VAL A 52 3.32 -1.16 -19.98
N ASN A 53 2.37 -0.73 -20.79
CA ASN A 53 1.90 -1.59 -21.86
C ASN A 53 2.63 -1.48 -23.20
N ASN A 54 3.86 -1.98 -23.29
CA ASN A 54 4.55 -1.98 -24.58
C ASN A 54 5.46 -3.20 -24.50
N GLU A 55 5.91 -3.67 -25.64
CA GLU A 55 6.79 -4.81 -25.72
C GLU A 55 8.15 -4.60 -25.10
N GLU A 56 8.63 -3.39 -24.90
CA GLU A 56 9.92 -3.22 -24.24
C GLU A 56 9.80 -3.28 -22.71
N SER A 57 8.60 -3.24 -22.14
CA SER A 57 8.42 -3.22 -20.67
C SER A 57 8.16 -4.60 -20.15
N GLU A 58 9.23 -5.29 -19.73
CA GLU A 58 9.04 -6.68 -19.29
C GLU A 58 10.27 -7.14 -18.55
N VAL A 59 10.18 -8.11 -17.69
CA VAL A 59 11.26 -8.70 -16.93
C VAL A 59 11.11 -10.23 -17.10
N ILE A 60 12.14 -10.88 -17.65
CA ILE A 60 12.00 -12.32 -17.85
C ILE A 60 12.93 -13.08 -16.93
N VAL A 61 12.36 -14.14 -16.35
CA VAL A 61 13.11 -15.00 -15.46
C VAL A 61 13.27 -16.37 -16.13
N HIS A 62 14.48 -16.69 -16.51
CA HIS A 62 14.90 -17.94 -17.11
C HIS A 62 15.15 -18.89 -15.95
N LYS A 63 14.26 -19.86 -15.78
CA LYS A 63 14.33 -20.78 -14.66
C LYS A 63 15.62 -21.59 -14.68
N ALA A 64 16.27 -21.67 -13.52
CA ALA A 64 17.47 -22.49 -13.40
C ALA A 64 17.05 -23.96 -13.59
N MET A 65 17.95 -24.77 -14.15
CA MET A 65 17.72 -26.19 -14.34
C MET A 65 17.11 -26.80 -13.09
N ASP A 66 17.82 -26.73 -11.97
CA ASP A 66 17.41 -27.25 -10.69
C ASP A 66 16.00 -26.94 -10.25
N ILE A 67 15.30 -25.94 -10.78
CA ILE A 67 13.93 -25.66 -10.39
C ILE A 67 13.03 -25.70 -11.62
N GLU A 68 13.61 -26.07 -12.75
CA GLU A 68 12.93 -26.19 -14.02
C GLU A 68 11.49 -26.72 -13.95
N TYR A 69 11.37 -27.94 -13.44
CA TYR A 69 10.11 -28.66 -13.41
C TYR A 69 9.47 -28.78 -12.03
N ASN A 70 9.74 -27.84 -11.14
CA ASN A 70 9.20 -27.94 -9.79
C ASN A 70 7.70 -27.84 -9.70
N ASP A 71 6.97 -27.15 -10.58
CA ASP A 71 5.51 -27.15 -10.45
C ASP A 71 4.84 -28.10 -11.43
N MET A 72 5.51 -29.12 -11.93
CA MET A 72 4.89 -30.06 -12.86
C MET A 72 3.81 -30.85 -12.11
N PHE A 73 4.19 -31.44 -10.98
CA PHE A 73 3.26 -32.19 -10.16
C PHE A 73 3.22 -31.75 -8.71
N ASN A 74 4.21 -31.03 -8.23
CA ASN A 74 4.24 -30.68 -6.80
C ASN A 74 3.51 -29.39 -6.45
N ASN A 75 3.24 -29.27 -5.16
CA ASN A 75 2.57 -28.12 -4.57
C ASN A 75 3.51 -26.92 -4.62
N PHE A 76 2.97 -25.73 -4.88
CA PHE A 76 3.79 -24.54 -4.92
C PHE A 76 2.93 -23.37 -4.44
N THR A 77 3.58 -22.27 -4.12
CA THR A 77 3.01 -21.03 -3.69
C THR A 77 3.77 -19.89 -4.39
N VAL A 78 3.01 -18.93 -4.90
CA VAL A 78 3.62 -17.78 -5.56
C VAL A 78 3.32 -16.57 -4.66
N SER A 79 4.27 -15.69 -4.36
CA SER A 79 3.89 -14.51 -3.56
C SER A 79 4.51 -13.25 -4.14
N PHE A 80 3.84 -12.11 -3.95
CA PHE A 80 4.39 -10.84 -4.49
C PHE A 80 3.53 -9.70 -3.96
N TRP A 81 4.12 -8.53 -3.82
CA TRP A 81 3.37 -7.31 -3.51
C TRP A 81 2.88 -6.79 -4.87
N LEU A 82 1.65 -6.30 -4.91
CA LEU A 82 1.06 -5.84 -6.16
C LEU A 82 0.47 -4.46 -5.97
N ARG A 83 0.60 -3.60 -6.97
CA ARG A 83 -0.04 -2.30 -6.93
C ARG A 83 -0.75 -2.09 -8.26
N VAL A 84 -2.06 -1.99 -8.30
CA VAL A 84 -2.79 -1.72 -9.54
C VAL A 84 -3.53 -0.42 -9.31
N PRO A 85 -3.50 0.50 -10.27
CA PRO A 85 -4.23 1.75 -10.18
C PRO A 85 -5.72 1.50 -10.14
N LYS A 86 -6.49 2.40 -9.51
CA LYS A 86 -7.93 2.28 -9.50
C LYS A 86 -8.37 2.39 -10.97
N VAL A 87 -9.26 1.49 -11.38
CA VAL A 87 -9.75 1.53 -12.76
C VAL A 87 -10.81 2.62 -12.87
N SER A 88 -10.75 3.46 -13.86
CA SER A 88 -11.72 4.51 -14.07
C SER A 88 -13.06 3.90 -14.46
N ALA A 89 -14.17 4.60 -14.24
CA ALA A 89 -15.47 4.05 -14.65
C ALA A 89 -15.53 3.87 -16.18
N SER A 90 -14.95 4.77 -16.96
CA SER A 90 -14.89 4.61 -18.40
C SER A 90 -14.06 3.41 -18.80
N HIS A 91 -12.96 3.13 -18.09
CA HIS A 91 -12.13 1.98 -18.45
C HIS A 91 -12.81 0.69 -18.09
N LEU A 92 -13.71 0.71 -17.09
CA LEU A 92 -14.46 -0.50 -16.75
C LEU A 92 -15.49 -0.72 -17.89
N GLU A 93 -16.11 0.35 -18.39
CA GLU A 93 -17.02 0.23 -19.51
C GLU A 93 -16.33 -0.17 -20.81
N GLN A 94 -15.13 0.31 -21.07
CA GLN A 94 -14.41 0.00 -22.29
C GLN A 94 -13.75 -1.38 -22.25
N TYR A 95 -12.86 -1.59 -21.29
CA TYR A 95 -12.06 -2.81 -21.22
C TYR A 95 -12.43 -3.81 -20.14
N GLY A 96 -13.61 -3.67 -19.55
CA GLY A 96 -14.06 -4.54 -18.48
C GLY A 96 -14.13 -6.03 -18.77
N THR A 97 -14.22 -6.46 -20.02
CA THR A 97 -14.24 -7.87 -20.37
C THR A 97 -12.91 -8.23 -21.00
N ASN A 98 -11.93 -7.33 -20.89
CA ASN A 98 -10.63 -7.61 -21.45
C ASN A 98 -9.73 -8.23 -20.37
N GLU A 99 -9.47 -9.53 -20.53
CA GLU A 99 -8.61 -10.23 -19.59
C GLU A 99 -7.16 -10.10 -20.01
N TYR A 100 -6.24 -9.65 -19.15
CA TYR A 100 -4.82 -9.64 -19.57
C TYR A 100 -3.91 -10.17 -18.48
N SER A 101 -2.96 -11.04 -18.81
CA SER A 101 -2.00 -11.54 -17.84
C SER A 101 -1.00 -10.42 -17.48
N ILE A 102 -0.30 -10.58 -16.38
CA ILE A 102 0.71 -9.63 -15.92
C ILE A 102 1.90 -10.45 -15.48
N ILE A 103 1.67 -11.69 -15.08
CA ILE A 103 2.72 -12.63 -14.66
C ILE A 103 2.31 -14.00 -15.24
N SER A 104 3.17 -14.70 -15.96
CA SER A 104 2.72 -15.98 -16.53
C SER A 104 3.89 -16.90 -16.79
N SER A 105 3.60 -18.19 -16.75
CA SER A 105 4.60 -19.20 -17.13
C SER A 105 4.12 -19.92 -18.40
N MET A 106 3.05 -19.48 -19.04
CA MET A 106 2.51 -20.08 -20.25
C MET A 106 3.04 -19.58 -21.61
N LYS A 107 3.16 -20.41 -22.64
CA LYS A 107 3.57 -19.97 -23.98
C LYS A 107 2.44 -19.43 -24.85
N LYS A 108 2.75 -18.74 -25.95
CA LYS A 108 1.69 -18.22 -26.80
C LYS A 108 1.97 -18.04 -28.28
N HIS A 109 3.19 -17.70 -28.67
CA HIS A 109 3.49 -17.48 -30.08
C HIS A 109 4.29 -18.61 -30.73
N SER A 110 3.95 -19.81 -30.34
CA SER A 110 4.44 -21.08 -30.84
C SER A 110 3.14 -21.87 -30.86
N LEU A 111 3.17 -23.20 -31.06
CA LEU A 111 1.87 -23.78 -30.77
C LEU A 111 2.09 -24.87 -29.72
N SER A 112 1.69 -24.28 -28.59
CA SER A 112 1.55 -24.76 -27.26
C SER A 112 0.14 -24.38 -26.82
N ILE A 113 -0.10 -23.13 -26.45
CA ILE A 113 -1.37 -22.60 -26.02
C ILE A 113 -1.49 -22.51 -24.49
N GLY A 114 -0.35 -22.31 -23.84
CA GLY A 114 -0.29 -22.00 -22.46
C GLY A 114 -0.56 -22.97 -21.35
N SER A 115 0.05 -24.14 -21.40
CA SER A 115 -0.09 -25.01 -20.21
C SER A 115 0.75 -24.27 -19.17
N GLY A 116 0.33 -24.14 -17.93
CA GLY A 116 1.13 -23.39 -16.96
C GLY A 116 0.24 -22.60 -16.03
N TRP A 117 0.75 -21.48 -15.51
CA TRP A 117 -0.09 -20.69 -14.59
C TRP A 117 -0.04 -19.23 -15.01
N SER A 118 -0.95 -18.46 -14.42
CA SER A 118 -0.93 -17.04 -14.76
C SER A 118 -1.74 -16.24 -13.74
N VAL A 119 -1.22 -15.05 -13.51
CA VAL A 119 -1.87 -14.05 -12.69
C VAL A 119 -2.49 -13.08 -13.69
N SER A 120 -3.80 -12.92 -13.74
CA SER A 120 -4.31 -11.97 -14.74
C SER A 120 -5.31 -11.03 -14.11
N LEU A 121 -5.60 -9.93 -14.78
CA LEU A 121 -6.54 -8.92 -14.33
C LEU A 121 -7.68 -8.86 -15.35
N LYS A 122 -8.88 -8.56 -14.91
CA LYS A 122 -10.00 -8.45 -15.86
C LYS A 122 -10.98 -7.48 -15.22
N GLY A 123 -10.91 -6.21 -15.58
CA GLY A 123 -11.70 -5.17 -14.90
C GLY A 123 -11.17 -5.13 -13.46
N ASN A 124 -12.07 -5.30 -12.51
CA ASN A 124 -11.75 -5.32 -11.10
C ASN A 124 -11.69 -6.73 -10.53
N ASN A 125 -11.25 -7.69 -11.36
CA ASN A 125 -11.04 -9.04 -10.94
C ASN A 125 -9.56 -9.44 -10.91
N LEU A 126 -9.13 -10.13 -9.86
CA LEU A 126 -7.79 -10.69 -9.82
C LEU A 126 -7.99 -12.20 -10.08
N ILE A 127 -7.34 -12.75 -11.09
CA ILE A 127 -7.54 -14.11 -11.51
C ILE A 127 -6.26 -14.93 -11.56
N TRP A 128 -6.30 -16.06 -10.88
CA TRP A 128 -5.24 -17.05 -10.85
C TRP A 128 -5.70 -18.19 -11.77
N THR A 129 -4.88 -18.64 -12.71
CA THR A 129 -5.33 -19.75 -13.55
C THR A 129 -4.23 -20.78 -13.72
N LEU A 130 -4.65 -22.04 -13.66
CA LEU A 130 -3.70 -23.14 -13.82
C LEU A 130 -4.24 -23.97 -15.02
N LYS A 131 -3.34 -24.40 -15.87
CA LYS A 131 -3.74 -25.17 -17.05
C LYS A 131 -2.76 -26.32 -17.24
N ASP A 132 -3.27 -27.54 -17.43
CA ASP A 132 -2.42 -28.72 -17.57
C ASP A 132 -2.23 -29.11 -19.03
N SER A 133 -1.54 -30.18 -19.31
CA SER A 133 -1.23 -30.78 -20.59
C SER A 133 -2.39 -31.02 -21.53
N ALA A 134 -3.53 -31.36 -20.96
CA ALA A 134 -4.72 -31.70 -21.70
C ALA A 134 -5.58 -30.47 -21.95
N GLY A 135 -5.20 -29.29 -21.46
CA GLY A 135 -6.05 -28.12 -21.68
C GLY A 135 -7.10 -28.02 -20.59
N GLU A 136 -6.95 -28.82 -19.53
CA GLU A 136 -7.95 -28.70 -18.45
C GLU A 136 -7.56 -27.43 -17.68
N VAL A 137 -8.47 -26.67 -17.14
CA VAL A 137 -8.13 -25.43 -16.44
C VAL A 137 -8.89 -25.30 -15.12
N ARG A 138 -8.23 -24.71 -14.13
CA ARG A 138 -8.83 -24.36 -12.85
C ARG A 138 -8.52 -22.88 -12.59
N GLN A 139 -9.53 -22.14 -12.13
CA GLN A 139 -9.34 -20.72 -11.91
C GLN A 139 -9.91 -20.20 -10.59
N ILE A 140 -9.24 -19.22 -10.02
CA ILE A 140 -9.77 -18.50 -8.88
C ILE A 140 -10.10 -17.10 -9.42
N THR A 141 -11.35 -16.70 -9.33
CA THR A 141 -11.72 -15.35 -9.78
C THR A 141 -12.03 -14.54 -8.51
N PHE A 142 -11.14 -13.65 -8.11
CA PHE A 142 -11.35 -12.77 -6.96
C PHE A 142 -12.00 -11.47 -7.45
N ARG A 143 -13.17 -11.17 -6.93
CA ARG A 143 -13.88 -9.95 -7.29
C ARG A 143 -13.66 -8.95 -6.15
N ASP A 144 -12.99 -7.86 -6.50
CA ASP A 144 -12.61 -6.85 -5.52
C ASP A 144 -13.81 -6.20 -4.87
N LEU A 145 -13.55 -5.68 -3.68
CA LEU A 145 -14.57 -4.98 -2.92
C LEU A 145 -15.04 -3.78 -3.73
N PRO A 146 -16.31 -3.44 -3.63
CA PRO A 146 -16.84 -2.30 -4.37
C PRO A 146 -16.44 -0.94 -3.78
N ASP A 147 -16.20 -0.82 -2.49
CA ASP A 147 -15.75 0.44 -1.87
C ASP A 147 -14.27 0.63 -2.19
N LYS A 148 -13.90 1.52 -3.10
CA LYS A 148 -12.50 1.63 -3.50
C LYS A 148 -11.55 2.15 -2.45
N PHE A 149 -12.01 2.87 -1.46
CA PHE A 149 -11.12 3.35 -0.40
C PHE A 149 -10.47 2.20 0.35
N ASN A 150 -11.19 1.10 0.50
CA ASN A 150 -10.71 -0.08 1.20
C ASN A 150 -10.46 -1.25 0.28
N ALA A 151 -10.50 -1.11 -1.03
CA ALA A 151 -10.27 -2.26 -1.92
C ALA A 151 -8.80 -2.57 -2.11
N TYR A 152 -8.51 -3.74 -2.63
CA TYR A 152 -7.19 -4.27 -2.89
C TYR A 152 -6.67 -3.97 -4.29
N LEU A 153 -7.46 -3.71 -5.30
CA LEU A 153 -6.96 -3.37 -6.62
C LEU A 153 -7.32 -1.92 -6.96
N ALA A 154 -7.04 -1.04 -6.02
CA ALA A 154 -7.36 0.37 -6.08
C ALA A 154 -6.23 1.25 -5.58
N ASN A 155 -5.04 1.03 -6.10
CA ASN A 155 -3.83 1.82 -6.03
C ASN A 155 -2.94 1.72 -4.79
N LYS A 156 -3.21 0.88 -3.82
CA LYS A 156 -2.32 0.69 -2.70
C LYS A 156 -1.48 -0.58 -2.90
N TRP A 157 -0.32 -0.61 -2.25
CA TRP A 157 0.47 -1.84 -2.19
C TRP A 157 -0.25 -2.88 -1.35
N VAL A 158 -0.44 -4.08 -1.91
CA VAL A 158 -1.11 -5.16 -1.24
C VAL A 158 -0.30 -6.43 -1.51
N PHE A 159 -0.35 -7.30 -0.52
CA PHE A 159 0.45 -8.53 -0.56
C PHE A 159 -0.38 -9.73 -1.00
N ILE A 160 0.04 -10.27 -2.15
CA ILE A 160 -0.71 -11.41 -2.70
C ILE A 160 -0.02 -12.71 -2.41
N THR A 161 -0.76 -13.78 -2.13
CA THR A 161 -0.13 -15.10 -1.98
C THR A 161 -1.11 -16.17 -2.41
N ILE A 162 -0.65 -16.98 -3.39
CA ILE A 162 -1.48 -18.06 -3.92
C ILE A 162 -0.82 -19.40 -3.68
N THR A 163 -1.41 -20.26 -2.86
CA THR A 163 -0.84 -21.58 -2.61
C THR A 163 -1.63 -22.60 -3.42
N ASN A 164 -1.02 -23.69 -3.84
CA ASN A 164 -1.65 -24.69 -4.68
C ASN A 164 -1.42 -26.09 -4.11
N ASP A 165 -2.44 -26.72 -3.54
CA ASP A 165 -2.22 -28.06 -3.01
C ASP A 165 -2.79 -29.00 -4.08
N ARG A 166 -1.95 -29.79 -4.72
CA ARG A 166 -2.33 -30.66 -5.81
C ARG A 166 -3.36 -31.71 -5.41
N LEU A 167 -3.43 -32.05 -4.13
CA LEU A 167 -4.37 -32.98 -3.56
C LEU A 167 -5.67 -32.32 -3.14
N SER A 168 -5.75 -30.99 -3.16
CA SER A 168 -7.00 -30.37 -2.77
C SER A 168 -7.27 -29.11 -3.57
N SER A 169 -6.91 -27.95 -3.00
CA SER A 169 -7.20 -26.69 -3.65
C SER A 169 -6.04 -25.71 -3.77
N ALA A 170 -6.36 -24.67 -4.53
CA ALA A 170 -5.52 -23.52 -4.74
C ALA A 170 -6.17 -22.40 -3.91
N ASN A 171 -5.41 -21.66 -3.13
CA ASN A 171 -6.00 -20.66 -2.23
C ASN A 171 -5.33 -19.29 -2.47
N LEU A 172 -6.13 -18.25 -2.57
CA LEU A 172 -5.66 -16.90 -2.88
C LEU A 172 -5.76 -16.08 -1.60
N TYR A 173 -4.63 -15.53 -1.16
CA TYR A 173 -4.61 -14.69 0.05
C TYR A 173 -4.22 -13.27 -0.34
N ILE A 174 -4.84 -12.29 0.31
CA ILE A 174 -4.56 -10.88 0.16
C ILE A 174 -4.24 -10.33 1.56
N ASN A 175 -3.08 -9.72 1.77
CA ASN A 175 -2.65 -9.27 3.08
C ASN A 175 -2.85 -10.31 4.17
N GLY A 176 -2.47 -11.56 3.90
CA GLY A 176 -2.51 -12.64 4.82
C GLY A 176 -3.87 -13.27 5.09
N VAL A 177 -4.92 -12.80 4.43
CA VAL A 177 -6.28 -13.25 4.63
C VAL A 177 -6.81 -14.02 3.42
N LEU A 178 -7.35 -15.21 3.65
CA LEU A 178 -7.88 -16.06 2.58
C LEU A 178 -9.06 -15.43 1.89
N MET A 179 -8.99 -15.23 0.58
CA MET A 179 -10.05 -14.54 -0.13
C MET A 179 -10.61 -15.31 -1.33
N GLY A 180 -10.06 -16.47 -1.68
CA GLY A 180 -10.72 -17.16 -2.82
C GLY A 180 -10.06 -18.53 -2.95
N SER A 181 -10.74 -19.49 -3.57
CA SER A 181 -10.07 -20.77 -3.77
C SER A 181 -10.80 -21.61 -4.81
N ALA A 182 -10.15 -22.64 -5.32
CA ALA A 182 -10.78 -23.54 -6.28
C ALA A 182 -10.18 -24.92 -6.07
N GLU A 183 -11.00 -25.96 -6.19
CA GLU A 183 -10.52 -27.33 -6.08
C GLU A 183 -9.65 -27.60 -7.30
N ILE A 184 -8.47 -28.17 -7.15
CA ILE A 184 -7.63 -28.33 -8.34
C ILE A 184 -7.36 -29.79 -8.64
N THR A 185 -8.13 -30.65 -7.98
CA THR A 185 -7.99 -32.08 -8.31
C THR A 185 -8.58 -32.21 -9.71
N GLY A 186 -8.05 -33.18 -10.45
CA GLY A 186 -8.48 -33.40 -11.83
C GLY A 186 -7.45 -32.84 -12.80
N LEU A 187 -6.56 -31.97 -12.30
CA LEU A 187 -5.53 -31.45 -13.17
C LEU A 187 -4.41 -32.49 -13.24
N GLY A 188 -3.82 -32.61 -14.42
CA GLY A 188 -2.69 -33.52 -14.62
C GLY A 188 -1.38 -32.72 -14.52
N ALA A 189 -0.43 -33.01 -15.37
CA ALA A 189 0.87 -32.36 -15.35
C ALA A 189 0.83 -30.93 -15.89
N ILE A 190 1.62 -30.07 -15.26
CA ILE A 190 1.77 -28.69 -15.72
C ILE A 190 3.08 -28.71 -16.51
N ARG A 191 2.96 -28.45 -17.81
CA ARG A 191 4.14 -28.49 -18.68
C ARG A 191 4.26 -27.05 -19.21
N GLU A 192 4.88 -26.21 -18.38
CA GLU A 192 4.98 -24.80 -18.71
C GLU A 192 6.28 -24.37 -19.39
N ASP A 193 6.28 -23.14 -19.86
CA ASP A 193 7.45 -22.47 -20.40
C ASP A 193 8.60 -22.45 -19.39
N ASN A 194 9.82 -22.44 -19.94
CA ASN A 194 11.02 -22.39 -19.13
C ASN A 194 11.33 -20.98 -18.60
N ASN A 195 10.57 -20.00 -19.04
CA ASN A 195 10.66 -18.63 -18.61
C ASN A 195 9.37 -18.21 -17.86
N ILE A 196 9.62 -17.36 -16.87
CA ILE A 196 8.52 -16.77 -16.12
C ILE A 196 8.46 -15.33 -16.58
N THR A 197 7.40 -14.93 -17.27
CA THR A 197 7.37 -13.58 -17.83
C THR A 197 6.57 -12.60 -17.00
N LEU A 198 7.21 -11.47 -16.67
CA LEU A 198 6.48 -10.42 -15.99
C LEU A 198 6.22 -9.42 -17.10
N LYS A 199 4.99 -9.28 -17.56
CA LYS A 199 4.72 -8.36 -18.68
C LYS A 199 3.22 -8.18 -18.86
N LEU A 200 2.73 -7.07 -19.40
CA LEU A 200 1.31 -6.97 -19.69
C LEU A 200 1.14 -7.73 -21.00
N ASP A 201 0.27 -8.73 -20.97
CA ASP A 201 0.09 -9.54 -22.17
C ASP A 201 -1.36 -9.54 -22.60
N ARG A 202 -1.64 -9.03 -23.80
CA ARG A 202 -2.98 -8.98 -24.37
C ARG A 202 -3.89 -7.96 -23.73
N CYS A 203 -3.28 -6.92 -23.18
CA CYS A 203 -4.05 -5.81 -22.62
C CYS A 203 -4.31 -4.81 -23.73
N ASN A 204 -5.56 -4.44 -23.93
CA ASN A 204 -5.98 -3.51 -24.98
C ASN A 204 -5.85 -2.05 -24.57
N ASN A 205 -5.77 -1.76 -23.27
CA ASN A 205 -5.65 -0.38 -22.82
C ASN A 205 -4.18 0.02 -22.89
N ASN A 206 -3.83 0.89 -23.82
CA ASN A 206 -2.47 1.32 -24.04
C ASN A 206 -1.85 2.02 -22.84
N ASN A 207 -2.65 2.58 -21.95
CA ASN A 207 -2.17 3.31 -20.78
C ASN A 207 -2.08 2.50 -19.51
N GLN A 208 -2.54 1.26 -19.51
CA GLN A 208 -2.51 0.41 -18.31
C GLN A 208 -1.07 0.25 -17.82
N TYR A 209 -0.87 0.06 -16.53
CA TYR A 209 0.44 -0.18 -15.93
C TYR A 209 0.21 -0.93 -14.63
N VAL A 210 1.21 -1.60 -14.04
CA VAL A 210 1.07 -2.30 -12.79
C VAL A 210 2.44 -2.25 -12.12
N SER A 211 2.51 -2.48 -10.82
CA SER A 211 3.78 -2.53 -10.13
C SER A 211 3.80 -3.81 -9.32
N ILE A 212 4.97 -4.43 -9.28
CA ILE A 212 5.11 -5.73 -8.62
C ILE A 212 6.40 -5.77 -7.86
N ASP A 213 6.44 -6.45 -6.71
CA ASP A 213 7.74 -6.43 -6.02
C ASP A 213 7.90 -7.70 -5.25
N LYS A 214 9.12 -8.10 -4.90
CA LYS A 214 9.33 -9.29 -4.09
C LYS A 214 8.72 -10.56 -4.69
N PHE A 215 8.57 -10.65 -6.01
CA PHE A 215 8.05 -11.83 -6.67
C PHE A 215 8.80 -13.05 -6.11
N ARG A 216 8.06 -13.96 -5.49
CA ARG A 216 8.68 -15.11 -4.86
C ARG A 216 7.91 -16.40 -5.10
N ILE A 217 8.59 -17.53 -5.29
CA ILE A 217 7.97 -18.82 -5.47
C ILE A 217 8.48 -19.77 -4.38
N PHE A 218 7.61 -20.52 -3.72
CA PHE A 218 7.99 -21.48 -2.72
C PHE A 218 7.67 -22.90 -3.21
N CYS A 219 8.43 -23.88 -2.71
CA CYS A 219 8.19 -25.26 -3.16
C CYS A 219 7.24 -26.05 -2.26
N LYS A 220 6.23 -25.38 -1.73
CA LYS A 220 5.22 -26.02 -0.91
C LYS A 220 3.99 -25.12 -0.90
N ALA A 221 2.89 -25.67 -0.42
CA ALA A 221 1.69 -24.85 -0.24
C ALA A 221 1.84 -24.27 1.16
N LEU A 222 2.06 -22.97 1.29
CA LEU A 222 2.24 -22.41 2.63
C LEU A 222 0.94 -22.42 3.43
N ASN A 223 1.03 -22.61 4.76
CA ASN A 223 -0.15 -22.56 5.62
C ASN A 223 -0.40 -21.12 6.06
N PRO A 224 -1.56 -20.85 6.64
CA PRO A 224 -1.96 -19.54 7.10
C PRO A 224 -0.98 -18.87 8.03
N LYS A 225 -0.35 -19.57 8.96
CA LYS A 225 0.60 -19.00 9.89
C LYS A 225 1.86 -18.54 9.18
N GLU A 226 2.37 -19.37 8.28
CA GLU A 226 3.53 -19.06 7.48
C GLU A 226 3.28 -17.84 6.60
N ILE A 227 2.08 -17.77 6.03
CA ILE A 227 1.68 -16.66 5.18
C ILE A 227 1.64 -15.33 5.92
N GLU A 228 1.13 -15.36 7.15
CA GLU A 228 1.01 -14.21 8.01
C GLU A 228 2.38 -13.70 8.41
N LYS A 229 3.30 -14.57 8.80
CA LYS A 229 4.63 -14.12 9.16
C LYS A 229 5.37 -13.56 7.94
N LEU A 230 5.23 -14.23 6.80
CA LEU A 230 5.80 -13.79 5.54
C LEU A 230 5.34 -12.37 5.22
N TYR A 231 4.04 -12.15 5.29
CA TYR A 231 3.45 -10.86 5.00
C TYR A 231 4.04 -9.78 5.90
N THR A 232 4.11 -10.07 7.19
CA THR A 232 4.61 -9.10 8.17
C THR A 232 6.11 -8.90 8.18
N SER A 233 6.86 -9.77 7.51
CA SER A 233 8.30 -9.73 7.42
C SER A 233 8.77 -8.56 6.55
N TYR A 234 7.89 -8.11 5.64
CA TYR A 234 8.25 -7.01 4.76
C TYR A 234 7.89 -5.67 5.39
N LEU A 235 7.08 -5.62 6.43
CA LEU A 235 6.63 -4.35 6.98
C LEU A 235 7.64 -3.74 7.93
N SER A 236 8.78 -3.33 7.43
CA SER A 236 9.88 -2.65 8.14
C SER A 236 9.26 -1.44 8.83
N ILE A 237 9.40 -1.33 10.13
CA ILE A 237 8.73 -0.35 10.97
C ILE A 237 9.43 0.98 11.23
N THR A 238 10.59 1.16 10.63
CA THR A 238 11.39 2.37 10.79
C THR A 238 11.06 3.52 9.86
N PHE A 239 10.64 3.17 8.65
CA PHE A 239 10.35 4.15 7.59
C PHE A 239 8.85 4.36 7.50
N LEU A 240 8.37 5.59 7.66
CA LEU A 240 6.92 5.81 7.62
C LEU A 240 6.39 5.66 6.20
N ARG A 241 5.07 5.43 6.11
CA ARG A 241 4.47 5.21 4.80
C ARG A 241 3.33 6.17 4.50
N ASP A 242 3.11 6.46 3.21
CA ASP A 242 1.93 7.25 2.84
C ASP A 242 0.71 6.32 2.69
N PHE A 243 -0.45 6.85 2.35
CA PHE A 243 -1.65 6.06 2.14
C PHE A 243 -1.52 4.94 1.12
N TRP A 244 -0.71 5.10 0.07
CA TRP A 244 -0.56 4.05 -0.92
C TRP A 244 0.39 2.95 -0.50
N GLY A 245 1.15 3.18 0.58
CA GLY A 245 2.11 2.17 1.02
C GLY A 245 3.53 2.63 0.60
N ASN A 246 3.70 3.68 -0.17
CA ASN A 246 5.07 4.16 -0.47
C ASN A 246 5.67 5.01 0.64
N PRO A 247 6.99 5.18 0.65
CA PRO A 247 7.67 5.92 1.70
C PRO A 247 7.18 7.33 1.90
N LEU A 248 6.90 7.77 3.13
CA LEU A 248 6.47 9.14 3.39
C LEU A 248 7.66 10.05 3.12
N ARG A 249 7.44 11.26 2.57
CA ARG A 249 8.61 12.08 2.32
C ARG A 249 8.49 13.52 2.84
N TYR A 250 9.68 14.10 3.11
CA TYR A 250 9.73 15.49 3.49
C TYR A 250 9.30 16.34 2.30
N ASP A 251 8.97 17.60 2.48
CA ASP A 251 8.67 18.53 1.43
C ASP A 251 7.67 18.08 0.38
N THR A 252 6.68 17.25 0.68
CA THR A 252 5.61 16.88 -0.23
C THR A 252 4.24 17.02 0.45
N GLU A 253 3.31 17.49 -0.41
CA GLU A 253 1.94 17.71 -0.03
C GLU A 253 1.17 16.41 0.18
N TYR A 254 0.46 16.45 1.30
CA TYR A 254 -0.38 15.36 1.77
C TYR A 254 -1.69 15.86 2.36
N TYR A 255 -2.76 15.19 1.96
CA TYR A 255 -4.08 15.39 2.60
C TYR A 255 -4.13 14.52 3.86
N LEU A 256 -4.64 14.95 4.99
CA LEU A 256 -4.74 14.12 6.19
C LEU A 256 -6.17 13.54 6.37
N ILE A 257 -6.21 12.24 6.57
CA ILE A 257 -7.52 11.59 6.84
C ILE A 257 -7.34 10.73 8.09
N PRO A 258 -8.17 10.90 9.11
CA PRO A 258 -8.12 10.11 10.34
C PRO A 258 -8.56 8.70 10.07
N VAL A 259 -7.76 7.71 10.40
CA VAL A 259 -8.03 6.31 10.10
C VAL A 259 -9.33 5.82 10.72
N ALA A 260 -9.65 6.32 11.92
CA ALA A 260 -10.86 5.88 12.60
C ALA A 260 -12.09 6.58 12.06
N SER A 261 -11.99 7.58 11.19
CA SER A 261 -13.21 8.18 10.65
C SER A 261 -12.84 8.44 9.19
N SER A 262 -12.62 7.41 8.36
CA SER A 262 -12.09 7.56 7.05
C SER A 262 -12.90 8.35 6.04
N SER A 263 -14.15 8.65 6.32
CA SER A 263 -15.00 9.44 5.47
C SER A 263 -14.93 10.92 5.80
N LYS A 264 -14.03 11.38 6.66
CA LYS A 264 -13.86 12.77 6.98
C LYS A 264 -12.61 13.44 6.39
N ASP A 265 -12.76 14.68 6.00
CA ASP A 265 -11.63 15.48 5.56
C ASP A 265 -11.32 16.41 6.72
N VAL A 266 -10.16 17.06 6.60
CA VAL A 266 -9.68 18.05 7.55
C VAL A 266 -9.90 19.43 6.91
N GLN A 267 -10.31 20.40 7.72
CA GLN A 267 -10.65 21.73 7.25
C GLN A 267 -10.10 22.78 8.20
N LEU A 268 -9.88 24.00 7.74
CA LEU A 268 -9.35 25.05 8.60
C LEU A 268 -10.44 26.03 8.96
N LYS A 269 -10.57 26.38 10.24
CA LYS A 269 -11.53 27.43 10.61
C LYS A 269 -10.92 28.72 10.07
N ASN A 270 -9.71 29.05 10.47
CA ASN A 270 -9.05 30.22 9.92
C ASN A 270 -7.55 30.26 10.22
N ILE A 271 -6.99 31.22 9.46
CA ILE A 271 -5.63 31.56 9.81
C ILE A 271 -5.89 32.29 11.16
N THR A 272 -4.96 31.77 11.89
CA THR A 272 -4.36 31.61 13.13
C THR A 272 -5.23 30.66 13.98
N ASP A 273 -6.32 30.15 13.46
CA ASP A 273 -7.27 29.33 14.16
C ASP A 273 -7.07 27.81 14.08
N TYR A 274 -8.16 27.10 14.41
CA TYR A 274 -8.14 25.66 14.53
C TYR A 274 -8.62 24.88 13.31
N MET A 275 -8.43 23.56 13.41
CA MET A 275 -8.78 22.62 12.35
C MET A 275 -9.88 21.67 12.81
N TYR A 276 -10.74 21.21 11.89
CA TYR A 276 -11.82 20.29 12.28
C TYR A 276 -12.17 19.34 11.14
N LEU A 277 -12.97 18.31 11.47
CA LEU A 277 -13.36 17.32 10.47
C LEU A 277 -14.59 17.66 9.68
N THR A 278 -14.64 17.30 8.41
CA THR A 278 -15.82 17.50 7.58
C THR A 278 -16.07 16.22 6.78
N ASN A 279 -17.28 16.09 6.24
CA ASN A 279 -17.61 14.86 5.52
C ASN A 279 -17.04 14.91 4.12
N ALA A 280 -16.38 13.88 3.64
CA ALA A 280 -15.85 13.94 2.28
C ALA A 280 -17.02 13.63 1.32
N PRO A 281 -17.06 14.28 0.18
CA PRO A 281 -18.04 13.94 -0.85
C PRO A 281 -17.73 12.54 -1.37
N SER A 282 -18.67 11.82 -2.00
CA SER A 282 -18.34 10.49 -2.49
C SER A 282 -18.87 10.19 -3.89
N TYR A 283 -18.34 9.15 -4.51
CA TYR A 283 -18.77 8.80 -5.88
C TYR A 283 -19.45 7.45 -5.80
N THR A 284 -20.56 7.26 -6.51
CA THR A 284 -21.22 5.97 -6.55
C THR A 284 -21.62 5.60 -7.98
N ASN A 285 -21.52 4.34 -8.32
CA ASN A 285 -21.92 3.89 -9.65
C ASN A 285 -22.60 2.52 -9.49
N GLY A 286 -23.94 2.58 -9.47
CA GLY A 286 -24.74 1.38 -9.33
C GLY A 286 -24.54 0.38 -10.45
N LYS A 287 -24.53 0.87 -11.68
CA LYS A 287 -24.39 0.00 -12.85
C LYS A 287 -23.10 -0.80 -12.80
N LEU A 288 -21.99 -0.11 -12.58
CA LEU A 288 -20.72 -0.81 -12.49
C LEU A 288 -20.39 -1.36 -11.10
N ASN A 289 -21.19 -1.12 -10.08
CA ASN A 289 -20.95 -1.60 -8.73
C ASN A 289 -19.70 -1.10 -8.08
N ILE A 290 -19.44 0.20 -8.18
CA ILE A 290 -18.26 0.77 -7.56
C ILE A 290 -18.66 2.06 -6.82
N TYR A 291 -17.98 2.31 -5.69
CA TYR A 291 -18.22 3.55 -4.96
C TYR A 291 -16.99 3.83 -4.07
N TYR A 292 -16.86 5.07 -3.63
CA TYR A 292 -15.75 5.51 -2.79
C TYR A 292 -15.95 6.96 -2.33
N ARG A 293 -15.34 7.25 -1.19
CA ARG A 293 -15.24 8.65 -0.75
C ARG A 293 -14.21 9.29 -1.69
N ARG A 294 -14.45 10.50 -2.17
CA ARG A 294 -13.48 11.11 -3.08
C ARG A 294 -12.25 11.59 -2.29
N LEU A 295 -11.12 11.51 -2.97
CA LEU A 295 -9.87 11.96 -2.38
C LEU A 295 -9.57 13.38 -2.85
N TYR A 296 -8.54 13.93 -2.24
CA TYR A 296 -7.91 15.19 -2.54
C TYR A 296 -8.72 16.44 -2.25
N ASN A 297 -9.56 16.47 -1.25
CA ASN A 297 -10.29 17.66 -0.85
C ASN A 297 -9.87 18.05 0.55
N GLY A 298 -10.10 19.27 1.03
CA GLY A 298 -9.66 19.50 2.43
C GLY A 298 -8.19 19.86 2.50
N LEU A 299 -7.67 20.26 3.66
CA LEU A 299 -6.30 20.72 3.77
C LEU A 299 -5.17 19.85 3.24
N LYS A 300 -4.09 20.55 2.81
CA LYS A 300 -2.84 19.97 2.38
C LYS A 300 -1.80 20.23 3.47
N PHE A 301 -1.02 19.25 3.84
CA PHE A 301 0.02 19.44 4.84
C PHE A 301 1.40 19.13 4.26
N ILE A 302 2.44 19.78 4.77
CA ILE A 302 3.80 19.47 4.42
C ILE A 302 4.63 19.20 5.68
N ILE A 303 5.48 18.20 5.66
CA ILE A 303 6.40 17.81 6.70
C ILE A 303 7.78 18.37 6.40
N LYS A 304 8.32 19.14 7.35
CA LYS A 304 9.67 19.69 7.15
C LYS A 304 10.64 19.16 8.20
N ARG A 305 11.91 19.04 7.80
CA ARG A 305 12.93 18.53 8.68
C ARG A 305 13.21 19.63 9.71
N TYR A 306 13.16 19.17 10.94
CA TYR A 306 13.26 20.02 12.12
C TYR A 306 14.69 20.43 12.39
N THR A 307 15.58 19.63 11.83
CA THR A 307 17.00 19.93 12.01
C THR A 307 17.66 19.08 10.94
N PRO A 308 18.90 19.40 10.70
CA PRO A 308 19.74 18.67 9.78
C PRO A 308 20.56 17.57 10.44
N ASN A 309 21.55 17.91 11.24
CA ASN A 309 22.45 17.00 11.89
C ASN A 309 22.84 15.83 11.00
N ASN A 310 23.86 16.07 10.17
CA ASN A 310 24.40 15.08 9.26
C ASN A 310 23.59 14.71 8.04
N GLU A 311 23.33 13.41 7.89
CA GLU A 311 22.67 12.90 6.68
C GLU A 311 21.28 13.47 6.50
N ILE A 312 21.04 13.96 5.29
CA ILE A 312 19.74 14.45 4.87
C ILE A 312 19.04 13.32 4.10
N ASP A 313 17.91 12.84 4.59
CA ASP A 313 17.17 11.81 3.83
C ASP A 313 15.90 12.40 3.25
N SER A 314 15.41 12.00 2.09
CA SER A 314 14.13 12.52 1.64
C SER A 314 12.97 11.75 2.28
N PHE A 315 13.23 10.58 2.87
CA PHE A 315 12.15 9.84 3.52
C PHE A 315 12.09 10.19 4.99
N VAL A 316 10.92 10.15 5.59
CA VAL A 316 10.72 10.46 6.99
C VAL A 316 10.82 9.17 7.80
N LYS A 317 11.71 9.12 8.77
CA LYS A 317 11.87 7.95 9.62
C LYS A 317 11.07 8.08 10.89
N SER A 318 10.60 6.94 11.43
CA SER A 318 9.86 7.00 12.70
C SER A 318 10.81 7.57 13.75
N GLY A 319 10.36 8.53 14.58
CA GLY A 319 11.21 9.14 15.56
C GLY A 319 11.86 10.43 15.08
N ASP A 320 11.75 10.75 13.79
CA ASP A 320 12.31 11.99 13.27
C ASP A 320 11.58 13.14 13.93
N PHE A 321 12.20 14.24 14.25
CA PHE A 321 11.54 15.44 14.77
C PHE A 321 11.22 16.27 13.55
N ILE A 322 10.01 16.78 13.42
CA ILE A 322 9.50 17.48 12.27
C ILE A 322 8.73 18.72 12.68
N LYS A 323 8.41 19.55 11.71
CA LYS A 323 7.58 20.73 11.82
C LYS A 323 6.49 20.52 10.75
N LEU A 324 5.24 20.64 11.12
CA LEU A 324 4.12 20.36 10.24
C LEU A 324 3.53 21.66 9.78
N TYR A 325 3.32 21.79 8.47
CA TYR A 325 2.75 23.03 7.95
C TYR A 325 1.47 22.74 7.19
N VAL A 326 0.59 23.71 7.13
CA VAL A 326 -0.59 23.67 6.27
C VAL A 326 -0.15 24.42 5.01
N SER A 327 -0.27 23.82 3.83
CA SER A 327 0.19 24.44 2.57
C SER A 327 -1.02 25.01 1.86
N TYR A 328 -1.26 26.30 2.03
CA TYR A 328 -2.42 27.03 1.55
C TYR A 328 -2.00 28.17 0.61
N ASN A 329 -2.63 28.33 -0.53
CA ASN A 329 -2.40 29.40 -1.48
C ASN A 329 -0.94 29.67 -1.79
N ASN A 330 -0.05 28.68 -1.84
CA ASN A 330 1.37 28.90 -2.08
C ASN A 330 2.14 29.36 -0.85
N ASN A 331 1.45 29.54 0.26
CA ASN A 331 2.02 29.92 1.52
C ASN A 331 2.02 28.67 2.41
N GLU A 332 2.80 28.71 3.48
CA GLU A 332 2.95 27.60 4.40
C GLU A 332 2.84 28.13 5.83
N HIS A 333 1.93 27.56 6.59
CA HIS A 333 1.66 28.02 7.96
C HIS A 333 1.88 26.92 8.98
N ILE A 334 2.74 27.12 9.93
CA ILE A 334 3.12 26.20 10.99
C ILE A 334 1.94 25.84 11.90
N VAL A 335 1.91 24.59 12.30
CA VAL A 335 0.92 24.01 13.18
C VAL A 335 1.54 23.88 14.57
N GLY A 336 0.82 24.43 15.57
CA GLY A 336 1.41 24.26 16.91
C GLY A 336 0.39 24.51 18.01
N TYR A 337 0.86 24.61 19.24
CA TYR A 337 0.04 24.89 20.41
C TYR A 337 0.68 26.05 21.18
N PRO A 338 -0.03 27.16 21.29
CA PRO A 338 0.47 28.31 22.04
C PRO A 338 0.58 28.02 23.53
N LYS A 339 1.54 28.62 24.25
CA LYS A 339 1.78 28.41 25.66
C LYS A 339 0.55 28.14 26.51
N ASP A 340 -0.30 29.04 26.89
CA ASP A 340 -1.46 28.70 27.72
C ASP A 340 -2.73 28.68 26.89
N GLY A 341 -2.61 28.37 25.60
CA GLY A 341 -3.73 28.38 24.68
C GLY A 341 -4.96 27.57 25.13
N ASN A 342 -6.08 27.90 24.47
CA ASN A 342 -7.34 27.22 24.71
C ASN A 342 -7.15 25.69 24.63
N ALA A 343 -7.82 24.98 25.53
CA ALA A 343 -7.72 23.53 25.59
C ALA A 343 -9.03 22.98 26.17
N PHE A 344 -9.32 21.70 26.01
CA PHE A 344 -10.56 21.18 26.59
C PHE A 344 -10.22 20.53 27.93
N ASN A 345 -10.65 21.20 28.98
CA ASN A 345 -10.45 20.80 30.35
C ASN A 345 -9.01 20.62 30.75
N ASN A 346 -8.17 21.61 30.42
CA ASN A 346 -6.77 21.64 30.79
C ASN A 346 -6.00 20.45 30.24
N LEU A 347 -6.53 19.78 29.20
CA LEU A 347 -5.75 18.65 28.71
C LEU A 347 -5.91 18.30 27.25
N ASP A 348 -6.94 18.61 26.49
CA ASP A 348 -6.85 18.31 25.05
C ASP A 348 -6.43 19.66 24.45
N ARG A 349 -5.15 19.85 24.16
CA ARG A 349 -4.69 21.15 23.65
C ARG A 349 -5.12 21.46 22.23
N ILE A 350 -5.81 22.57 22.00
CA ILE A 350 -6.28 22.86 20.64
C ILE A 350 -5.15 23.35 19.71
N LEU A 351 -4.92 22.63 18.62
CA LEU A 351 -3.86 23.02 17.68
C LEU A 351 -4.22 24.29 16.93
N ARG A 352 -3.19 25.07 16.56
CA ARG A 352 -3.48 26.33 15.85
C ARG A 352 -2.65 26.43 14.60
N VAL A 353 -3.17 27.07 13.56
CA VAL A 353 -2.41 27.17 12.30
C VAL A 353 -1.91 28.58 12.03
N GLY A 354 -0.61 28.72 11.90
CA GLY A 354 -0.01 30.05 11.62
C GLY A 354 -0.30 31.01 12.76
N TYR A 355 -0.18 30.56 14.01
CA TYR A 355 -0.43 31.40 15.18
C TYR A 355 0.78 32.30 15.36
N ASN A 356 0.59 33.56 15.73
CA ASN A 356 1.78 34.43 15.80
C ASN A 356 1.69 35.53 16.83
N ALA A 357 0.88 35.35 17.87
CA ALA A 357 0.72 36.32 18.92
C ALA A 357 2.05 36.72 19.52
N PRO A 358 2.24 38.04 19.64
CA PRO A 358 3.50 38.59 20.13
C PRO A 358 3.77 38.18 21.56
N GLY A 359 5.01 37.84 21.86
CA GLY A 359 5.39 37.44 23.20
C GLY A 359 4.98 36.07 23.67
N ILE A 360 4.14 35.33 22.95
CA ILE A 360 3.72 34.01 23.40
C ILE A 360 4.43 32.87 22.72
N PRO A 361 5.05 32.01 23.53
CA PRO A 361 5.74 30.84 23.00
C PRO A 361 4.77 29.99 22.18
N LEU A 362 5.21 29.51 21.02
CA LEU A 362 4.42 28.65 20.18
C LEU A 362 5.15 27.30 20.06
N TYR A 363 4.56 26.27 20.66
CA TYR A 363 5.20 24.97 20.63
C TYR A 363 4.87 24.27 19.34
N LYS A 364 5.90 23.88 18.61
CA LYS A 364 5.61 23.25 17.30
C LYS A 364 6.50 22.08 16.98
N LYS A 365 7.43 21.72 17.84
CA LYS A 365 8.26 20.58 17.56
C LYS A 365 7.38 19.30 17.73
N MET A 366 7.39 18.53 16.65
CA MET A 366 6.64 17.29 16.63
C MET A 366 7.60 16.14 16.35
N GLU A 367 7.13 14.95 16.61
CA GLU A 367 7.90 13.75 16.35
C GLU A 367 6.98 12.81 15.54
N ALA A 368 7.41 12.35 14.39
CA ALA A 368 6.63 11.47 13.53
C ALA A 368 6.97 10.04 13.92
N VAL A 369 5.96 9.28 14.36
CA VAL A 369 6.18 7.95 14.89
C VAL A 369 5.11 6.97 14.38
N LYS A 370 5.44 5.73 14.57
CA LYS A 370 4.68 4.54 14.24
C LYS A 370 4.61 3.71 15.52
N LEU A 371 3.63 4.01 16.35
CA LEU A 371 3.39 3.43 17.65
C LEU A 371 2.39 2.28 17.67
N ARG A 372 1.63 2.11 16.59
CA ARG A 372 0.61 1.06 16.53
C ARG A 372 0.13 0.76 15.12
N ASP A 373 -0.61 -0.32 14.96
CA ASP A 373 -1.24 -0.77 13.72
C ASP A 373 -0.26 -0.94 12.58
N LEU A 374 0.65 -1.90 12.71
CA LEU A 374 1.67 -2.19 11.74
C LEU A 374 1.31 -2.38 10.26
N LYS A 375 0.23 -3.08 9.96
CA LYS A 375 -0.19 -3.38 8.62
C LYS A 375 -0.86 -2.22 7.91
N THR A 376 -1.26 -1.19 8.63
CA THR A 376 -2.04 -0.08 8.14
C THR A 376 -1.09 1.03 7.74
N TYR A 377 -1.33 1.67 6.61
CA TYR A 377 -0.41 2.74 6.22
C TYR A 377 -0.76 4.08 6.89
N SER A 378 -0.52 4.16 8.21
CA SER A 378 -0.86 5.35 8.95
C SER A 378 0.28 5.78 9.87
N VAL A 379 0.14 6.98 10.40
CA VAL A 379 1.19 7.64 11.20
C VAL A 379 0.59 8.31 12.43
N GLN A 380 1.34 8.42 13.49
CA GLN A 380 0.99 9.19 14.66
C GLN A 380 1.98 10.37 14.77
N LEU A 381 1.52 11.44 15.40
CA LEU A 381 2.31 12.65 15.58
C LEU A 381 2.29 13.09 17.06
N LYS A 382 3.46 13.30 17.63
CA LYS A 382 3.63 13.75 18.99
C LYS A 382 4.20 15.16 19.11
N LEU A 383 3.51 16.05 19.78
CA LEU A 383 3.90 17.41 20.00
C LEU A 383 4.67 17.59 21.31
N TYR A 384 5.66 18.47 21.30
CA TYR A 384 6.48 18.76 22.47
C TYR A 384 6.48 20.26 22.77
N ASP A 385 6.73 20.63 24.03
CA ASP A 385 6.86 22.04 24.39
C ASP A 385 8.32 22.45 24.40
N ASP A 386 8.76 23.65 24.83
CA ASP A 386 10.23 23.80 24.78
C ASP A 386 11.01 23.27 25.95
N LYS A 387 10.42 22.51 26.88
CA LYS A 387 11.20 21.88 27.94
C LYS A 387 11.34 20.40 27.51
N ASN A 388 10.76 20.12 26.35
CA ASN A 388 10.81 18.79 25.75
C ASN A 388 9.88 17.84 26.49
N ALA A 389 8.80 18.40 27.04
CA ALA A 389 7.79 17.63 27.75
C ALA A 389 6.73 17.29 26.70
N SER A 390 6.13 16.11 26.80
CA SER A 390 5.11 15.75 25.84
C SER A 390 3.82 16.53 26.01
N LEU A 391 3.31 17.12 24.92
CA LEU A 391 2.02 17.79 24.96
C LEU A 391 0.94 16.85 24.44
N GLY A 392 1.35 15.67 23.96
CA GLY A 392 0.45 14.67 23.48
C GLY A 392 0.48 14.26 22.02
N LEU A 393 -0.37 13.25 21.70
CA LEU A 393 -0.47 12.82 20.32
C LEU A 393 -1.54 13.64 19.63
N VAL A 394 -1.35 13.90 18.33
CA VAL A 394 -2.32 14.66 17.56
C VAL A 394 -3.58 13.82 17.36
N GLY A 395 -4.74 14.35 17.72
CA GLY A 395 -5.97 13.58 17.56
C GLY A 395 -7.14 14.51 17.37
N THR A 396 -8.36 14.08 17.74
CA THR A 396 -9.47 15.02 17.63
C THR A 396 -10.26 14.99 18.95
N HIS A 397 -10.92 16.06 19.31
CA HIS A 397 -11.77 16.12 20.49
C HIS A 397 -13.13 16.72 20.16
N ASN A 398 -14.24 16.15 20.58
CA ASN A 398 -15.55 16.66 20.22
C ASN A 398 -15.89 17.82 21.16
N GLY A 399 -16.28 18.98 20.63
CA GLY A 399 -16.53 20.12 21.48
C GLY A 399 -16.86 21.35 20.64
N GLN A 400 -16.95 22.48 21.33
CA GLN A 400 -17.33 23.73 20.68
C GLN A 400 -16.32 24.80 21.16
N ILE A 401 -16.02 25.72 20.28
CA ILE A 401 -15.11 26.83 20.58
C ILE A 401 -15.94 28.09 20.34
N GLY A 402 -16.06 28.91 21.37
CA GLY A 402 -16.85 30.15 21.28
C GLY A 402 -18.27 29.78 20.90
N ASN A 403 -18.85 30.47 19.91
CA ASN A 403 -20.18 30.16 19.42
C ASN A 403 -20.17 29.29 18.16
N ASP A 404 -19.04 28.68 17.78
CA ASP A 404 -19.05 27.80 16.62
C ASP A 404 -19.85 26.51 16.86
N PRO A 405 -20.20 25.84 15.76
CA PRO A 405 -20.89 24.57 15.82
C PRO A 405 -20.05 23.51 16.47
N ASN A 406 -20.74 22.51 17.04
CA ASN A 406 -20.08 21.38 17.65
C ASN A 406 -19.23 20.67 16.59
N ARG A 407 -17.96 20.41 16.84
CA ARG A 407 -17.09 19.81 15.84
C ARG A 407 -16.06 18.88 16.47
N ASP A 408 -15.50 17.98 15.68
CA ASP A 408 -14.37 17.13 16.12
C ASP A 408 -13.12 17.92 15.76
N ILE A 409 -12.50 18.54 16.75
CA ILE A 409 -11.42 19.50 16.55
C ILE A 409 -10.05 18.89 16.77
N LEU A 410 -9.06 19.28 15.97
CA LEU A 410 -7.73 18.68 16.12
C LEU A 410 -7.05 19.24 17.37
N ILE A 411 -6.44 18.31 18.11
CA ILE A 411 -5.87 18.56 19.40
C ILE A 411 -4.62 17.70 19.54
N ALA A 412 -3.90 17.91 20.62
CA ALA A 412 -2.78 17.14 21.07
C ALA A 412 -3.18 16.67 22.47
N SER A 413 -3.11 15.37 22.76
CA SER A 413 -3.50 14.94 24.13
C SER A 413 -2.62 13.80 24.59
N ASN A 414 -2.19 13.79 25.84
CA ASN A 414 -1.45 12.67 26.41
C ASN A 414 -2.40 11.52 26.76
N TRP A 415 -3.71 11.72 26.70
CA TRP A 415 -4.69 10.68 26.96
C TRP A 415 -4.59 9.48 26.03
N TYR A 416 -4.09 9.65 24.80
CA TYR A 416 -3.97 8.57 23.85
C TYR A 416 -2.88 7.58 24.21
N PHE A 417 -1.92 7.96 25.03
CA PHE A 417 -0.89 7.01 25.43
C PHE A 417 -1.45 5.93 26.32
N ASN A 418 -2.63 6.10 26.89
CA ASN A 418 -3.25 5.07 27.71
C ASN A 418 -4.07 4.09 26.88
N HIS A 419 -4.23 4.30 25.58
CA HIS A 419 -5.08 3.51 24.71
C HIS A 419 -4.45 2.98 23.44
N LEU A 420 -3.13 2.88 23.35
CA LEU A 420 -2.48 2.40 22.15
C LEU A 420 -2.83 1.00 21.68
N LYS A 421 -3.40 0.15 22.52
CA LYS A 421 -3.80 -1.19 22.17
C LYS A 421 -5.21 -1.24 21.57
N ASP A 422 -6.01 -0.19 21.67
CA ASP A 422 -7.34 -0.23 21.11
C ASP A 422 -7.26 -0.61 19.63
N LYS A 423 -8.34 -1.20 19.14
CA LYS A 423 -8.39 -1.63 17.74
C LYS A 423 -8.42 -0.41 16.83
N ILE A 424 -9.25 0.54 17.22
CA ILE A 424 -9.48 1.78 16.53
C ILE A 424 -9.09 2.96 17.43
N LEU A 425 -8.29 3.89 16.93
CA LEU A 425 -7.87 5.02 17.78
C LEU A 425 -7.84 6.32 16.99
N GLY A 426 -8.30 7.40 17.62
CA GLY A 426 -8.43 8.70 17.04
C GLY A 426 -7.16 9.47 16.70
N CYS A 427 -5.99 8.99 17.08
CA CYS A 427 -4.73 9.65 16.84
C CYS A 427 -3.98 9.05 15.66
N ASP A 428 -4.53 8.11 14.92
CA ASP A 428 -3.94 7.53 13.73
C ASP A 428 -4.35 8.29 12.47
N TRP A 429 -3.38 8.63 11.62
CA TRP A 429 -3.62 9.41 10.42
C TRP A 429 -3.10 8.83 9.14
N TYR A 430 -3.84 8.98 8.05
CA TYR A 430 -3.36 8.58 6.74
C TYR A 430 -2.84 9.85 6.04
N PHE A 431 -1.70 9.76 5.39
CA PHE A 431 -1.10 10.87 4.65
C PHE A 431 -1.22 10.57 3.14
N VAL A 432 -2.11 11.25 2.44
CA VAL A 432 -2.48 10.99 1.07
C VAL A 432 -1.94 12.03 0.09
N PRO A 433 -1.07 11.62 -0.80
CA PRO A 433 -0.58 12.49 -1.88
C PRO A 433 -1.34 12.22 -3.18
N THR A 434 -1.39 13.20 -4.08
CA THR A 434 -2.08 13.04 -5.38
C THR A 434 -1.30 12.01 -6.18
N ASP A 435 -1.92 11.17 -7.00
CA ASP A 435 -1.16 10.11 -7.67
C ASP A 435 -1.85 9.76 -8.98
N GLU A 436 -1.10 9.36 -10.01
CA GLU A 436 -1.75 9.05 -11.29
C GLU A 436 -2.61 7.82 -11.25
N GLY A 437 -2.43 6.90 -10.31
CA GLY A 437 -3.22 5.71 -10.13
C GLY A 437 -4.57 5.93 -9.48
N TRP A 438 -4.93 7.12 -9.02
CA TRP A 438 -6.21 7.37 -8.43
C TRP A 438 -6.72 8.75 -8.87
N THR A 439 -7.69 8.77 -9.77
CA THR A 439 -8.35 9.99 -10.19
C THR A 439 -9.84 9.81 -9.88
N ASN A 440 -10.52 10.75 -9.30
CA ASN A 440 -11.94 10.61 -9.01
C ASN A 440 -12.74 10.67 -10.33
N ASP A 441 -13.72 9.82 -10.49
CA ASP A 441 -14.53 9.73 -11.70
C ASP A 441 -15.44 10.93 -11.95
C1 GAL B . 16.53 13.66 11.87
C2 GAL B . 15.67 14.88 12.11
C3 GAL B . 14.71 15.10 10.95
C4 GAL B . 15.45 14.99 9.62
C5 GAL B . 16.16 13.64 9.51
C6 GAL B . 16.86 13.48 8.18
O1 GAL B . 17.54 13.76 12.84
O2 GAL B . 15.08 14.79 13.42
O3 GAL B . 14.03 16.35 11.09
O4 GAL B . 16.46 15.98 9.49
O5 GAL B . 17.13 13.61 10.59
O6 GAL B . 16.44 14.40 7.16
#